data_1DOG
#
_entry.id   1DOG
#
_cell.length_a   116.600
_cell.length_b   103.600
_cell.length_c   48.300
_cell.angle_alpha   90.00
_cell.angle_beta   90.00
_cell.angle_gamma   90.00
#
_symmetry.space_group_name_H-M   'P 21 21 21'
#
loop_
_entity.id
_entity.type
_entity.pdbx_description
1 polymer GLUCOAMYLASE-471
2 branched alpha-D-mannopyranose-(1-2)-alpha-D-mannopyranose-(1-3)-beta-D-mannopyranose-(1-4)-2-acetamido-2-deoxy-beta-D-glucopyranose-(1-4)-2-acetamido-2-deoxy-beta-D-glucopyranose
3 branched alpha-D-mannopyranose-(1-2)-alpha-D-mannopyranose-(1-2)-alpha-D-mannopyranose-(1-3)-[alpha-D-mannopyranose-(1-3)-alpha-D-mannopyranose-(1-6)]beta-D-mannopyranose-(1-4)-2-acetamido-2-deoxy-beta-D-glucopyranose-(1-4)-2-acetamido-2-deoxy-beta-D-glucopyranose
4 non-polymer alpha-D-mannopyranose
5 non-polymer 1-DEOXYNOJIRIMYCIN
6 water water
#
_entity_poly.entity_id   1
_entity_poly.type   'polypeptide(L)'
_entity_poly.pdbx_seq_one_letter_code
;ATLDSWLSNEATVARTAILNNIGADGAWVSGADSGIVVASPSTDNPDYFYTWTRDSGLVIKTLVDLFRNGDTDLLSTIEH
YISSQAIIQGVSNPSGDLSSGGLGEPKFNVDETAYTGSWGRPQRDGPALRATAMIGFGQWLLDNGYTSAATEIVWPLVRN
DLSYVAQYWNQTGYDLWEEVNGSSFFTIAVQHRALVEGSAFATAVGSSCSWCDSQAPQILCYLQSFWTGSYILANFDSSR
SGKDTNTLLGSIHTFDPEAGCDDSTFQPCSPRALANHKEVVDSFRSIYTLNDGLSDSEAVAVGRYPEDSYYNGNPWFLCT
LAAAEQLYDALYQWDKQGSLEITDVSLDFFKALYSGAATGTYSSSSSTYSSIVSAVKTFADGFVSIVETHAASNGSLSEQ
FDKSDGDELSARDLTWSYAALLTANNRRNSVVPPSWGETSASSVPGTCAATSASGTYSSVTVTSWPSIVA
;
_entity_poly.pdbx_strand_id   A
#
loop_
_chem_comp.id
_chem_comp.type
_chem_comp.name
_chem_comp.formula
BMA D-saccharide, beta linking beta-D-mannopyranose 'C6 H12 O6'
MAN D-saccharide, alpha linking alpha-D-mannopyranose 'C6 H12 O6'
NAG D-saccharide, beta linking 2-acetamido-2-deoxy-beta-D-glucopyranose 'C8 H15 N O6'
NOJ D-saccharide 1-DEOXYNOJIRIMYCIN 'C6 H13 N O4'
#
# COMPACT_ATOMS: atom_id res chain seq x y z
N ALA A 1 3.33 -24.65 11.06
CA ALA A 1 3.50 -26.11 10.83
C ALA A 1 3.93 -26.30 9.37
N THR A 2 2.99 -25.94 8.52
CA THR A 2 3.24 -25.97 7.07
C THR A 2 3.40 -24.46 6.72
N LEU A 3 2.43 -23.72 7.26
CA LEU A 3 2.34 -22.30 7.07
C LEU A 3 3.59 -21.56 7.49
N ASP A 4 4.07 -21.80 8.69
CA ASP A 4 5.27 -21.11 9.18
C ASP A 4 6.48 -21.39 8.28
N SER A 5 6.59 -22.65 7.91
CA SER A 5 7.71 -23.08 7.04
C SER A 5 7.53 -22.58 5.61
N TRP A 6 6.37 -22.68 5.01
CA TRP A 6 6.11 -22.16 3.67
C TRP A 6 6.42 -20.66 3.62
N LEU A 7 5.92 -19.92 4.59
CA LEU A 7 6.15 -18.48 4.66
C LEU A 7 7.61 -18.09 4.63
N SER A 8 8.38 -18.87 5.33
CA SER A 8 9.82 -18.74 5.46
C SER A 8 10.52 -18.99 4.14
N ASN A 9 10.07 -20.03 3.44
CA ASN A 9 10.62 -20.34 2.12
C ASN A 9 10.14 -19.22 1.16
N GLU A 10 8.86 -18.95 1.12
CA GLU A 10 8.22 -17.98 0.29
C GLU A 10 8.80 -16.58 0.43
N ALA A 11 9.19 -16.11 1.58
CA ALA A 11 9.76 -14.78 1.71
C ALA A 11 11.03 -14.65 0.86
N THR A 12 11.84 -15.68 0.89
CA THR A 12 13.11 -15.81 0.18
C THR A 12 12.84 -15.83 -1.32
N VAL A 13 11.82 -16.54 -1.77
CA VAL A 13 11.47 -16.63 -3.18
C VAL A 13 10.94 -15.26 -3.66
N ALA A 14 10.21 -14.56 -2.83
CA ALA A 14 9.63 -13.25 -3.14
C ALA A 14 10.71 -12.20 -3.31
N ARG A 15 11.70 -12.20 -2.41
CA ARG A 15 12.83 -11.26 -2.49
C ARG A 15 13.56 -11.42 -3.84
N THR A 16 13.84 -12.64 -4.23
CA THR A 16 14.50 -12.94 -5.49
C THR A 16 13.65 -12.54 -6.68
N ALA A 17 12.42 -13.03 -6.73
CA ALA A 17 11.50 -12.68 -7.82
C ALA A 17 11.41 -11.17 -7.97
N ILE A 18 11.29 -10.38 -6.91
CA ILE A 18 11.24 -8.92 -7.14
C ILE A 18 12.48 -8.40 -7.87
N LEU A 19 13.67 -8.83 -7.49
CA LEU A 19 14.94 -8.44 -8.05
C LEU A 19 15.06 -8.81 -9.53
N ASN A 20 14.42 -9.90 -9.91
CA ASN A 20 14.45 -10.36 -11.29
C ASN A 20 13.62 -9.41 -12.15
N ASN A 21 12.80 -8.60 -11.49
CA ASN A 21 11.89 -7.67 -12.21
C ASN A 21 12.34 -6.23 -12.14
N ILE A 22 13.58 -6.00 -11.80
CA ILE A 22 14.08 -4.60 -11.71
C ILE A 22 15.30 -4.51 -12.63
N GLY A 23 15.35 -3.53 -13.50
CA GLY A 23 16.48 -3.35 -14.44
C GLY A 23 17.71 -2.81 -13.71
N ALA A 24 18.88 -2.80 -14.34
CA ALA A 24 19.04 -3.28 -15.73
C ALA A 24 19.67 -4.67 -15.77
N ASP A 25 19.78 -5.25 -14.61
CA ASP A 25 20.33 -6.58 -14.34
C ASP A 25 19.25 -7.60 -14.01
N GLY A 26 18.01 -7.22 -13.84
CA GLY A 26 16.88 -8.09 -13.49
C GLY A 26 16.80 -9.20 -14.53
N ALA A 27 16.90 -10.44 -14.10
CA ALA A 27 16.86 -11.55 -15.06
C ALA A 27 15.60 -11.65 -15.89
N TRP A 28 14.45 -11.28 -15.40
CA TRP A 28 13.23 -11.46 -16.18
C TRP A 28 12.85 -10.26 -17.01
N VAL A 29 13.54 -9.16 -16.82
CA VAL A 29 13.15 -7.93 -17.54
C VAL A 29 14.21 -7.20 -18.31
N SER A 30 14.91 -7.90 -19.15
CA SER A 30 15.95 -7.35 -20.03
C SER A 30 15.22 -6.33 -20.93
N GLY A 31 15.71 -5.11 -20.93
CA GLY A 31 15.10 -4.03 -21.67
C GLY A 31 14.84 -2.88 -20.70
N ALA A 32 14.59 -3.26 -19.46
CA ALA A 32 14.31 -2.28 -18.40
C ALA A 32 15.56 -1.51 -18.00
N ASP A 33 15.41 -0.19 -17.94
CA ASP A 33 16.54 0.65 -17.52
C ASP A 33 16.87 0.35 -16.05
N SER A 34 17.95 0.93 -15.57
CA SER A 34 18.49 0.80 -14.26
C SER A 34 17.58 1.40 -13.18
N GLY A 35 17.18 0.58 -12.22
CA GLY A 35 16.31 1.03 -11.15
C GLY A 35 14.84 1.08 -11.51
N ILE A 36 14.51 0.52 -12.67
CA ILE A 36 13.16 0.45 -13.20
C ILE A 36 12.48 -0.85 -12.76
N VAL A 37 11.41 -0.66 -11.98
CA VAL A 37 10.63 -1.79 -11.45
C VAL A 37 9.54 -2.14 -12.48
N VAL A 38 9.62 -3.33 -13.00
CA VAL A 38 8.59 -3.77 -14.00
C VAL A 38 7.46 -4.46 -13.25
N ALA A 39 6.24 -4.16 -13.65
CA ALA A 39 5.05 -4.72 -12.98
C ALA A 39 5.03 -6.23 -13.10
N SER A 40 5.39 -6.75 -14.24
CA SER A 40 5.45 -8.20 -14.52
C SER A 40 6.18 -8.38 -15.86
N PRO A 41 6.86 -9.49 -16.00
CA PRO A 41 7.59 -9.78 -17.25
C PRO A 41 6.65 -10.17 -18.37
N SER A 42 5.36 -10.30 -18.11
CA SER A 42 4.36 -10.66 -19.12
C SER A 42 4.23 -9.50 -20.10
N THR A 43 4.65 -9.80 -21.33
CA THR A 43 4.63 -8.82 -22.42
C THR A 43 3.41 -9.02 -23.32
N ASP A 44 2.62 -10.04 -23.05
CA ASP A 44 1.43 -10.29 -23.90
C ASP A 44 0.40 -11.07 -23.08
N ASN A 45 -0.85 -10.72 -23.23
CA ASN A 45 -2.01 -11.32 -22.61
C ASN A 45 -1.83 -11.72 -21.15
N PRO A 46 -1.79 -10.78 -20.24
CA PRO A 46 -1.85 -9.34 -20.48
C PRO A 46 -0.44 -8.79 -20.66
N ASP A 47 -0.41 -7.57 -21.19
CA ASP A 47 0.86 -6.87 -21.40
C ASP A 47 1.06 -5.95 -20.20
N TYR A 48 1.96 -6.37 -19.35
CA TYR A 48 2.30 -5.65 -18.12
C TYR A 48 3.76 -5.22 -18.11
N PHE A 49 4.39 -5.26 -19.28
CA PHE A 49 5.83 -4.88 -19.42
C PHE A 49 5.97 -3.37 -19.44
N TYR A 50 5.73 -2.73 -18.31
CA TYR A 50 5.77 -1.30 -18.07
C TYR A 50 6.17 -1.01 -16.62
N THR A 51 6.53 0.23 -16.33
CA THR A 51 6.85 0.52 -14.91
C THR A 51 5.70 1.44 -14.45
N TRP A 52 4.97 1.03 -13.42
CA TRP A 52 3.89 1.89 -12.88
C TRP A 52 4.46 2.65 -11.67
N THR A 53 4.06 3.90 -11.50
CA THR A 53 4.58 4.63 -10.29
C THR A 53 4.12 3.99 -8.99
N ARG A 54 2.89 3.50 -8.96
CA ARG A 54 2.29 2.82 -7.79
C ARG A 54 3.04 1.54 -7.45
N ASP A 55 3.08 0.56 -8.34
CA ASP A 55 3.74 -0.73 -8.06
C ASP A 55 5.17 -0.49 -7.60
N SER A 56 5.86 0.34 -8.35
CA SER A 56 7.24 0.70 -8.03
C SER A 56 7.33 1.29 -6.64
N GLY A 57 6.52 2.30 -6.35
CA GLY A 57 6.54 2.97 -5.02
C GLY A 57 6.29 1.97 -3.90
N LEU A 58 5.30 1.10 -4.05
CA LEU A 58 4.94 0.06 -3.08
C LEU A 58 6.06 -0.95 -2.95
N VAL A 59 6.63 -1.37 -4.06
CA VAL A 59 7.70 -2.35 -4.03
C VAL A 59 8.92 -1.80 -3.32
N ILE A 60 9.37 -0.61 -3.74
CA ILE A 60 10.58 -0.02 -3.13
C ILE A 60 10.39 0.26 -1.66
N LYS A 61 9.20 0.67 -1.28
CA LYS A 61 8.99 0.99 0.15
C LYS A 61 9.27 -0.28 0.93
N THR A 62 8.80 -1.39 0.38
CA THR A 62 8.99 -2.69 1.02
C THR A 62 10.45 -3.02 1.15
N LEU A 63 11.19 -2.81 0.06
CA LEU A 63 12.63 -3.10 0.05
C LEU A 63 13.37 -2.13 0.96
N VAL A 64 12.90 -0.93 1.07
CA VAL A 64 13.56 0.03 1.98
C VAL A 64 13.39 -0.46 3.43
N ASP A 65 12.23 -0.98 3.78
CA ASP A 65 12.02 -1.47 5.14
C ASP A 65 12.91 -2.69 5.38
N LEU A 66 13.00 -3.56 4.38
CA LEU A 66 13.85 -4.77 4.50
C LEU A 66 15.28 -4.30 4.74
N PHE A 67 15.70 -3.32 3.96
CA PHE A 67 17.04 -2.77 4.05
C PHE A 67 17.32 -2.18 5.43
N ARG A 68 16.37 -1.44 5.96
CA ARG A 68 16.57 -0.79 7.26
C ARG A 68 16.68 -1.85 8.34
N ASN A 69 16.14 -3.01 8.09
CA ASN A 69 16.22 -4.11 9.06
C ASN A 69 17.45 -4.97 8.85
N GLY A 70 18.43 -4.56 8.04
CA GLY A 70 19.61 -5.37 7.84
C GLY A 70 19.82 -6.06 6.52
N ASP A 71 19.00 -5.89 5.51
CA ASP A 71 19.20 -6.56 4.19
C ASP A 71 20.00 -5.53 3.38
N THR A 72 21.25 -5.39 3.76
CA THR A 72 22.15 -4.40 3.22
C THR A 72 22.38 -4.50 1.73
N ASP A 73 22.29 -5.71 1.22
CA ASP A 73 22.48 -5.99 -0.21
C ASP A 73 21.53 -5.20 -1.08
N LEU A 74 20.41 -4.75 -0.57
CA LEU A 74 19.43 -4.03 -1.36
C LEU A 74 19.81 -2.57 -1.62
N LEU A 75 20.91 -2.13 -1.07
CA LEU A 75 21.32 -0.73 -1.22
C LEU A 75 21.38 -0.23 -2.66
N SER A 76 22.13 -0.98 -3.48
CA SER A 76 22.30 -0.55 -4.88
C SER A 76 20.97 -0.49 -5.60
N THR A 77 20.03 -1.35 -5.33
CA THR A 77 18.70 -1.37 -5.92
C THR A 77 17.96 -0.04 -5.67
N ILE A 78 17.98 0.35 -4.42
CA ILE A 78 17.30 1.59 -3.95
C ILE A 78 17.95 2.81 -4.59
N GLU A 79 19.28 2.78 -4.61
CA GLU A 79 19.99 3.94 -5.23
C GLU A 79 19.64 4.08 -6.70
N HIS A 80 19.58 2.97 -7.40
CA HIS A 80 19.23 2.92 -8.81
C HIS A 80 17.82 3.40 -8.98
N TYR A 81 16.89 3.00 -8.12
CA TYR A 81 15.51 3.46 -8.20
C TYR A 81 15.45 5.00 -8.06
N ILE A 82 16.17 5.52 -7.09
CA ILE A 82 16.19 6.98 -6.87
C ILE A 82 16.67 7.71 -8.10
N SER A 83 17.76 7.24 -8.68
CA SER A 83 18.33 7.83 -9.88
C SER A 83 17.33 7.76 -11.04
N SER A 84 16.64 6.65 -11.17
CA SER A 84 15.67 6.48 -12.24
C SER A 84 14.53 7.47 -12.08
N GLN A 85 14.12 7.72 -10.88
CA GLN A 85 13.00 8.66 -10.65
C GLN A 85 13.41 10.08 -10.92
N ALA A 86 14.67 10.42 -10.72
CA ALA A 86 15.15 11.80 -11.01
C ALA A 86 14.87 12.12 -12.49
N ILE A 87 15.01 11.08 -13.30
CA ILE A 87 14.78 11.10 -14.73
C ILE A 87 13.30 11.08 -15.09
N ILE A 88 12.56 10.10 -14.62
CA ILE A 88 11.12 9.95 -14.91
C ILE A 88 10.37 11.24 -14.62
N GLN A 89 10.59 11.84 -13.47
CA GLN A 89 9.92 13.10 -13.08
C GLN A 89 9.86 14.13 -14.20
N GLY A 90 10.99 14.23 -14.88
CA GLY A 90 11.21 15.16 -15.99
C GLY A 90 10.67 14.68 -17.30
N VAL A 91 10.27 13.42 -17.41
CA VAL A 91 9.73 12.90 -18.68
C VAL A 91 8.36 13.53 -18.95
N SER A 92 8.31 14.13 -20.12
CA SER A 92 7.10 14.81 -20.67
C SER A 92 6.16 13.71 -21.11
N ASN A 93 4.92 13.67 -20.67
CA ASN A 93 3.99 12.54 -21.03
C ASN A 93 2.60 13.09 -21.22
N PRO A 94 1.60 12.28 -21.56
CA PRO A 94 0.22 12.74 -21.74
C PRO A 94 -0.37 13.48 -20.56
N SER A 95 0.10 13.34 -19.34
CA SER A 95 -0.40 14.04 -18.15
C SER A 95 0.25 15.41 -17.99
N GLY A 96 1.28 15.73 -18.74
CA GLY A 96 2.02 16.96 -18.73
C GLY A 96 3.51 16.74 -18.47
N ASP A 97 4.16 17.83 -18.07
CA ASP A 97 5.58 17.87 -17.73
C ASP A 97 5.75 17.87 -16.21
N LEU A 98 6.97 17.98 -15.71
CA LEU A 98 7.27 17.97 -14.30
C LEU A 98 6.40 18.96 -13.53
N SER A 99 6.33 20.17 -14.03
CA SER A 99 5.57 21.21 -13.30
C SER A 99 4.16 21.45 -13.76
N SER A 100 3.68 20.65 -14.70
CA SER A 100 2.35 20.86 -15.26
C SER A 100 1.48 19.63 -15.18
N GLY A 101 1.78 18.69 -14.30
CA GLY A 101 0.94 17.51 -14.17
C GLY A 101 1.56 16.18 -14.50
N GLY A 102 2.75 16.19 -15.06
CA GLY A 102 3.45 14.99 -15.44
C GLY A 102 3.61 13.95 -14.35
N LEU A 103 3.80 14.41 -13.14
CA LEU A 103 4.00 13.53 -11.98
C LEU A 103 2.87 12.55 -11.75
N GLY A 104 1.66 12.89 -12.23
CA GLY A 104 0.48 12.10 -12.11
C GLY A 104 0.31 10.95 -13.08
N GLU A 105 1.21 10.78 -14.04
CA GLU A 105 1.17 9.73 -15.07
C GLU A 105 1.34 8.37 -14.43
N PRO A 106 0.40 7.49 -14.71
CA PRO A 106 0.37 6.14 -14.17
C PRO A 106 1.51 5.19 -14.46
N LYS A 107 1.87 5.03 -15.74
CA LYS A 107 2.92 4.10 -16.18
C LYS A 107 3.82 4.69 -17.28
N PHE A 108 4.93 4.04 -17.47
CA PHE A 108 5.97 4.43 -18.46
C PHE A 108 6.53 3.18 -19.12
N ASN A 109 7.19 3.32 -20.25
CA ASN A 109 7.85 2.16 -20.91
C ASN A 109 9.07 1.86 -20.02
N VAL A 110 9.52 0.62 -20.02
CA VAL A 110 10.68 0.18 -19.19
C VAL A 110 11.99 0.87 -19.51
N ASP A 111 12.02 1.56 -20.62
CA ASP A 111 13.20 2.29 -21.13
C ASP A 111 13.21 3.75 -20.72
N GLU A 112 12.21 4.19 -20.01
CA GLU A 112 11.99 5.50 -19.45
C GLU A 112 11.37 6.51 -20.37
N THR A 113 10.79 6.01 -21.45
CA THR A 113 10.06 6.84 -22.42
C THR A 113 8.58 6.81 -21.96
N ALA A 114 7.84 7.81 -22.33
CA ALA A 114 6.42 7.91 -21.98
C ALA A 114 5.58 6.89 -22.71
N TYR A 115 4.51 6.54 -22.05
CA TYR A 115 3.50 5.64 -22.67
C TYR A 115 2.50 6.67 -23.22
N THR A 116 2.31 6.68 -24.51
CA THR A 116 1.46 7.72 -25.12
C THR A 116 0.11 7.29 -25.56
N GLY A 117 -0.25 6.05 -25.47
CA GLY A 117 -1.61 5.60 -25.84
C GLY A 117 -2.55 6.03 -24.70
N SER A 118 -3.82 5.73 -24.96
CA SER A 118 -4.92 6.03 -24.03
C SER A 118 -4.79 5.22 -22.77
N TRP A 119 -5.00 5.85 -21.64
CA TRP A 119 -4.92 5.13 -20.36
C TRP A 119 -5.77 5.91 -19.36
N GLY A 120 -6.13 5.28 -18.25
CA GLY A 120 -6.95 6.00 -17.22
C GLY A 120 -5.89 6.82 -16.44
N ARG A 121 -5.82 8.08 -16.83
CA ARG A 121 -4.84 8.99 -16.24
C ARG A 121 -5.51 10.31 -15.92
N PRO A 122 -5.04 11.05 -14.94
CA PRO A 122 -3.88 10.68 -14.09
C PRO A 122 -4.33 9.77 -12.96
N GLN A 123 -3.36 9.30 -12.22
CA GLN A 123 -3.60 8.50 -11.00
C GLN A 123 -2.81 9.24 -9.93
N ARG A 124 -3.52 9.97 -9.08
CA ARG A 124 -2.86 10.80 -8.06
C ARG A 124 -2.22 10.13 -6.90
N ASP A 125 -2.26 8.81 -6.77
CA ASP A 125 -1.61 8.12 -5.64
C ASP A 125 -0.10 7.96 -5.84
N GLY A 126 0.27 7.80 -7.09
CA GLY A 126 1.65 7.60 -7.51
C GLY A 126 2.62 8.52 -6.83
N PRO A 127 2.44 9.80 -7.02
CA PRO A 127 3.34 10.77 -6.41
C PRO A 127 3.48 10.55 -4.93
N ALA A 128 2.40 10.27 -4.20
CA ALA A 128 2.42 10.05 -2.76
C ALA A 128 3.14 8.77 -2.39
N LEU A 129 2.93 7.70 -3.13
CA LEU A 129 3.60 6.42 -2.88
C LEU A 129 5.10 6.57 -3.19
N ARG A 130 5.44 7.33 -4.20
CA ARG A 130 6.88 7.51 -4.50
C ARG A 130 7.53 8.27 -3.37
N ALA A 131 6.94 9.35 -2.92
CA ALA A 131 7.48 10.18 -1.82
C ALA A 131 7.70 9.35 -0.58
N THR A 132 6.73 8.54 -0.19
CA THR A 132 6.83 7.69 1.01
C THR A 132 8.04 6.77 0.93
N ALA A 133 8.23 6.15 -0.23
CA ALA A 133 9.36 5.23 -0.46
C ALA A 133 10.70 5.91 -0.31
N MET A 134 10.83 7.10 -0.83
CA MET A 134 12.03 7.92 -0.82
C MET A 134 12.33 8.49 0.55
N ILE A 135 11.27 8.94 1.23
CA ILE A 135 11.41 9.48 2.60
C ILE A 135 12.03 8.43 3.52
N GLY A 136 11.65 7.17 3.38
CA GLY A 136 12.20 6.10 4.24
C GLY A 136 13.72 6.02 4.05
N PHE A 137 14.13 5.94 2.80
CA PHE A 137 15.56 5.87 2.46
C PHE A 137 16.26 7.15 2.94
N GLY A 138 15.67 8.29 2.71
CA GLY A 138 16.18 9.61 3.11
C GLY A 138 16.44 9.64 4.62
N GLN A 139 15.52 9.05 5.38
CA GLN A 139 15.63 8.98 6.86
C GLN A 139 16.87 8.16 7.23
N TRP A 140 17.03 6.98 6.65
CA TRP A 140 18.23 6.16 6.88
C TRP A 140 19.50 6.98 6.62
N LEU A 141 19.59 7.63 5.45
CA LEU A 141 20.76 8.45 5.10
C LEU A 141 21.05 9.45 6.21
N LEU A 142 20.02 10.16 6.68
CA LEU A 142 20.25 11.15 7.76
C LEU A 142 20.83 10.48 9.01
N ASP A 143 20.29 9.35 9.39
CA ASP A 143 20.68 8.59 10.57
C ASP A 143 22.08 8.00 10.51
N ASN A 144 22.54 7.69 9.33
CA ASN A 144 23.83 7.08 9.09
C ASN A 144 24.91 8.06 8.66
N GLY A 145 24.62 9.32 8.78
CA GLY A 145 25.51 10.42 8.47
C GLY A 145 25.77 10.73 7.02
N TYR A 146 24.80 10.47 6.15
CA TYR A 146 24.98 10.80 4.71
C TYR A 146 24.03 11.95 4.45
N THR A 147 24.16 12.96 5.28
CA THR A 147 23.33 14.16 5.24
C THR A 147 23.16 14.78 3.86
N SER A 148 24.24 14.79 3.13
CA SER A 148 24.34 15.35 1.79
C SER A 148 23.44 14.62 0.81
N ALA A 149 23.49 13.30 0.87
CA ALA A 149 22.66 12.50 -0.03
C ALA A 149 21.20 12.82 0.29
N ALA A 150 20.83 12.87 1.56
CA ALA A 150 19.47 13.17 1.99
C ALA A 150 19.01 14.55 1.54
N THR A 151 19.80 15.55 1.83
CA THR A 151 19.53 16.97 1.56
C THR A 151 19.56 17.36 0.11
N GLU A 152 20.49 16.89 -0.67
CA GLU A 152 20.64 17.27 -2.07
C GLU A 152 20.00 16.40 -3.13
N ILE A 153 19.81 15.14 -2.88
CA ILE A 153 19.18 14.24 -3.83
C ILE A 153 17.75 13.92 -3.43
N VAL A 154 17.59 13.23 -2.28
CA VAL A 154 16.27 12.75 -1.85
C VAL A 154 15.28 13.86 -1.62
N TRP A 155 15.56 14.80 -0.76
CA TRP A 155 14.70 15.92 -0.48
C TRP A 155 14.13 16.56 -1.75
N PRO A 156 14.95 17.08 -2.63
CA PRO A 156 14.45 17.74 -3.84
C PRO A 156 13.53 16.85 -4.65
N LEU A 157 13.78 15.54 -4.65
CA LEU A 157 12.94 14.59 -5.41
C LEU A 157 11.58 14.54 -4.74
N VAL A 158 11.63 14.36 -3.42
CA VAL A 158 10.42 14.28 -2.61
C VAL A 158 9.64 15.59 -2.73
N ARG A 159 10.34 16.72 -2.63
CA ARG A 159 9.71 18.03 -2.74
C ARG A 159 8.86 18.12 -3.99
N ASN A 160 9.24 17.48 -5.11
CA ASN A 160 8.45 17.55 -6.35
C ASN A 160 7.11 16.83 -6.18
N ASP A 161 7.18 15.62 -5.66
CA ASP A 161 5.99 14.79 -5.45
C ASP A 161 5.07 15.40 -4.40
N LEU A 162 5.61 15.94 -3.31
CA LEU A 162 4.75 16.55 -2.27
C LEU A 162 3.97 17.73 -2.83
N SER A 163 4.62 18.47 -3.73
CA SER A 163 4.05 19.65 -4.37
C SER A 163 2.89 19.24 -5.25
N TYR A 164 3.01 18.10 -5.91
CA TYR A 164 1.90 17.60 -6.76
C TYR A 164 0.70 17.26 -5.86
N VAL A 165 0.88 16.54 -4.79
CA VAL A 165 -0.15 16.12 -3.84
C VAL A 165 -0.93 17.30 -3.29
N ALA A 166 -0.23 18.27 -2.72
CA ALA A 166 -0.83 19.46 -2.15
C ALA A 166 -1.63 20.26 -3.18
N GLN A 167 -1.20 20.23 -4.43
CA GLN A 167 -1.82 20.98 -5.51
C GLN A 167 -3.07 20.32 -6.07
N TYR A 168 -3.11 19.02 -6.28
CA TYR A 168 -4.24 18.37 -6.93
C TYR A 168 -5.02 17.37 -6.12
N TRP A 169 -4.78 17.19 -4.82
CA TRP A 169 -5.53 16.20 -4.03
C TRP A 169 -7.04 16.29 -4.26
N ASN A 170 -7.51 17.53 -4.25
CA ASN A 170 -8.93 17.89 -4.38
C ASN A 170 -9.42 17.81 -5.81
N GLN A 171 -8.78 17.01 -6.65
CA GLN A 171 -9.28 16.89 -8.05
C GLN A 171 -9.51 15.42 -8.36
N THR A 172 -10.50 15.14 -9.18
CA THR A 172 -10.79 13.74 -9.53
C THR A 172 -9.65 13.17 -10.34
N GLY A 173 -9.66 11.86 -10.47
CA GLY A 173 -8.63 11.14 -11.24
C GLY A 173 -9.03 9.68 -11.19
N TYR A 174 -8.18 8.80 -11.63
CA TYR A 174 -8.49 7.37 -11.56
C TYR A 174 -8.02 6.75 -10.27
N ASP A 175 -8.70 5.70 -9.88
CA ASP A 175 -8.44 4.89 -8.68
C ASP A 175 -7.25 3.98 -8.95
N LEU A 176 -6.79 3.28 -7.95
CA LEU A 176 -5.64 2.39 -8.08
C LEU A 176 -5.95 1.28 -9.07
N TRP A 177 -7.19 0.96 -9.32
CA TRP A 177 -7.49 -0.17 -10.27
C TRP A 177 -7.62 0.39 -11.68
N GLU A 178 -7.38 1.69 -11.80
CA GLU A 178 -7.37 2.42 -13.08
C GLU A 178 -8.66 2.36 -13.87
N GLU A 179 -9.81 2.36 -13.21
CA GLU A 179 -11.09 2.25 -13.93
C GLU A 179 -12.11 3.27 -13.55
N VAL A 180 -12.05 3.80 -12.33
CA VAL A 180 -13.04 4.75 -11.87
C VAL A 180 -12.46 6.16 -11.86
N ASN A 181 -13.11 7.02 -12.64
CA ASN A 181 -12.69 8.43 -12.67
C ASN A 181 -13.50 9.12 -11.54
N GLY A 182 -12.89 9.42 -10.42
CA GLY A 182 -13.63 10.08 -9.31
C GLY A 182 -12.67 10.42 -8.19
N SER A 183 -13.06 10.11 -6.97
CA SER A 183 -12.25 10.38 -5.75
C SER A 183 -12.17 9.06 -4.99
N SER A 184 -10.99 8.61 -4.68
CA SER A 184 -10.78 7.26 -4.12
C SER A 184 -10.17 7.27 -2.75
N PHE A 185 -10.68 6.39 -1.90
CA PHE A 185 -10.20 6.29 -0.52
C PHE A 185 -8.68 6.09 -0.47
N PHE A 186 -8.26 5.00 -1.11
CA PHE A 186 -6.84 4.64 -1.11
C PHE A 186 -5.97 5.86 -1.40
N THR A 187 -6.29 6.50 -2.50
CA THR A 187 -5.54 7.67 -2.95
C THR A 187 -5.47 8.74 -1.87
N ILE A 188 -6.58 9.12 -1.31
CA ILE A 188 -6.64 10.17 -0.29
C ILE A 188 -5.86 9.82 0.97
N ALA A 189 -5.98 8.58 1.41
CA ALA A 189 -5.29 8.08 2.58
C ALA A 189 -3.80 8.17 2.44
N VAL A 190 -3.28 7.66 1.32
CA VAL A 190 -1.81 7.66 1.08
C VAL A 190 -1.32 9.09 0.86
N GLN A 191 -2.17 9.92 0.33
CA GLN A 191 -1.85 11.34 0.12
C GLN A 191 -1.72 12.07 1.46
N HIS A 192 -2.64 11.82 2.39
CA HIS A 192 -2.59 12.45 3.72
C HIS A 192 -1.26 12.05 4.35
N ARG A 193 -0.98 10.74 4.30
CA ARG A 193 0.24 10.21 4.91
C ARG A 193 1.51 10.91 4.41
N ALA A 194 1.67 10.96 3.09
CA ALA A 194 2.82 11.53 2.44
C ALA A 194 3.10 12.97 2.88
N LEU A 195 2.03 13.76 2.98
CA LEU A 195 2.24 15.15 3.39
C LEU A 195 2.72 15.22 4.83
N VAL A 196 2.17 14.38 5.68
CA VAL A 196 2.59 14.41 7.10
C VAL A 196 4.06 14.01 7.19
N GLU A 197 4.43 12.88 6.61
CA GLU A 197 5.87 12.51 6.74
C GLU A 197 6.77 13.35 5.89
N GLY A 198 6.20 13.93 4.83
CA GLY A 198 6.92 14.83 3.94
C GLY A 198 7.37 16.05 4.75
N SER A 199 6.46 16.55 5.54
CA SER A 199 6.74 17.68 6.42
C SER A 199 7.81 17.43 7.47
N ALA A 200 7.76 16.27 8.09
CA ALA A 200 8.78 15.92 9.10
C ALA A 200 10.11 15.79 8.38
N PHE A 201 10.10 15.17 7.22
CA PHE A 201 11.34 14.99 6.43
C PHE A 201 11.96 16.33 6.05
N ALA A 202 11.19 17.27 5.56
CA ALA A 202 11.66 18.61 5.20
C ALA A 202 12.32 19.28 6.40
N THR A 203 11.71 19.18 7.56
CA THR A 203 12.29 19.79 8.75
C THR A 203 13.63 19.13 9.09
N ALA A 204 13.72 17.82 8.88
CA ALA A 204 14.96 17.11 9.22
C ALA A 204 16.14 17.54 8.38
N VAL A 205 15.95 17.92 7.13
CA VAL A 205 17.04 18.33 6.22
C VAL A 205 17.29 19.83 6.29
N GLY A 206 16.55 20.55 7.13
CA GLY A 206 16.71 22.00 7.31
C GLY A 206 15.90 22.83 6.34
N SER A 207 14.87 22.25 5.77
CA SER A 207 14.02 23.00 4.82
C SER A 207 12.61 23.01 5.40
N SER A 208 11.61 23.23 4.58
CA SER A 208 10.22 23.21 5.08
C SER A 208 9.28 22.82 3.95
N CYS A 209 8.07 22.51 4.36
CA CYS A 209 7.01 22.15 3.41
C CYS A 209 5.71 22.79 3.90
N SER A 210 5.63 24.10 3.66
CA SER A 210 4.43 24.83 4.11
C SER A 210 3.18 24.22 3.49
N TRP A 211 3.22 23.80 2.26
CA TRP A 211 2.08 23.21 1.54
C TRP A 211 1.72 21.85 2.11
N CYS A 212 2.66 21.17 2.73
CA CYS A 212 2.37 19.90 3.39
C CYS A 212 1.52 20.22 4.63
N ASP A 213 2.00 21.17 5.41
CA ASP A 213 1.36 21.60 6.64
C ASP A 213 -0.05 22.14 6.47
N SER A 214 -0.28 22.96 5.47
CA SER A 214 -1.63 23.54 5.27
C SER A 214 -2.61 22.54 4.68
N GLN A 215 -2.17 21.57 3.86
CA GLN A 215 -3.09 20.62 3.24
C GLN A 215 -3.35 19.31 3.93
N ALA A 216 -2.44 18.77 4.72
CA ALA A 216 -2.67 17.49 5.39
C ALA A 216 -3.97 17.49 6.22
N PRO A 217 -4.20 18.48 7.06
CA PRO A 217 -5.43 18.56 7.87
C PRO A 217 -6.66 18.59 6.99
N GLN A 218 -6.61 19.19 5.84
CA GLN A 218 -7.74 19.27 4.90
C GLN A 218 -8.02 17.97 4.19
N ILE A 219 -6.94 17.25 3.89
CA ILE A 219 -7.02 15.93 3.29
C ILE A 219 -7.69 15.01 4.34
N LEU A 220 -7.28 15.15 5.60
CA LEU A 220 -7.83 14.33 6.71
C LEU A 220 -9.32 14.58 6.90
N CYS A 221 -9.68 15.83 6.83
CA CYS A 221 -11.04 16.31 6.96
C CYS A 221 -11.90 15.61 5.93
N TYR A 222 -11.48 15.72 4.66
CA TYR A 222 -12.15 15.09 3.53
C TYR A 222 -12.22 13.58 3.65
N LEU A 223 -11.20 12.91 4.17
CA LEU A 223 -11.18 11.45 4.30
C LEU A 223 -12.37 10.88 5.07
N GLN A 224 -12.88 11.63 6.00
CA GLN A 224 -13.96 11.33 6.93
C GLN A 224 -15.25 11.03 6.20
N SER A 225 -15.44 11.68 5.07
CA SER A 225 -16.61 11.51 4.22
C SER A 225 -16.70 10.11 3.63
N PHE A 226 -15.60 9.35 3.68
CA PHE A 226 -15.65 8.01 3.06
C PHE A 226 -16.33 7.02 4.01
N TRP A 227 -16.51 7.41 5.25
CA TRP A 227 -17.19 6.48 6.22
C TRP A 227 -18.70 6.54 5.97
N THR A 228 -19.31 5.43 5.61
CA THR A 228 -20.74 5.42 5.29
C THR A 228 -21.63 5.13 6.50
N GLY A 229 -21.07 4.71 7.61
CA GLY A 229 -21.80 4.32 8.79
C GLY A 229 -21.62 2.80 9.00
N SER A 230 -21.34 2.07 7.91
CA SER A 230 -21.15 0.61 8.09
C SER A 230 -19.88 0.07 7.47
N TYR A 231 -19.35 0.76 6.49
CA TYR A 231 -18.10 0.43 5.81
C TYR A 231 -17.52 1.68 5.14
N ILE A 232 -16.32 1.51 4.59
CA ILE A 232 -15.56 2.54 3.90
C ILE A 232 -15.89 2.49 2.40
N LEU A 233 -16.34 3.61 1.89
CA LEU A 233 -16.70 3.69 0.47
C LEU A 233 -15.42 3.75 -0.37
N ALA A 234 -15.21 2.84 -1.28
CA ALA A 234 -14.01 2.86 -2.10
C ALA A 234 -13.90 4.14 -2.95
N ASN A 235 -14.99 4.54 -3.60
CA ASN A 235 -14.96 5.72 -4.46
C ASN A 235 -16.24 6.56 -4.50
N PHE A 236 -16.01 7.85 -4.67
CA PHE A 236 -17.14 8.77 -4.87
C PHE A 236 -17.29 8.78 -6.41
N ASP A 237 -18.47 8.76 -6.95
CA ASP A 237 -18.77 8.81 -8.36
C ASP A 237 -18.80 7.37 -8.90
N SER A 238 -19.24 6.46 -8.06
CA SER A 238 -19.25 5.04 -8.55
C SER A 238 -20.68 4.55 -8.38
N SER A 239 -21.09 3.66 -9.23
CA SER A 239 -22.44 3.07 -9.23
C SER A 239 -22.40 1.71 -8.56
N ARG A 240 -21.25 1.32 -8.08
CA ARG A 240 -21.06 0.01 -7.40
C ARG A 240 -21.42 0.13 -5.92
N SER A 241 -21.41 -0.98 -5.20
CA SER A 241 -21.69 -0.97 -3.75
C SER A 241 -20.62 -0.13 -3.04
N GLY A 242 -19.38 -0.22 -3.47
CA GLY A 242 -18.30 0.57 -2.83
C GLY A 242 -17.45 -0.28 -1.89
N LYS A 243 -17.76 -1.54 -1.84
CA LYS A 243 -16.99 -2.52 -1.01
C LYS A 243 -15.78 -2.85 -1.89
N ASP A 244 -14.60 -2.49 -1.42
CA ASP A 244 -13.43 -2.76 -2.33
C ASP A 244 -12.19 -2.97 -1.49
N THR A 245 -11.32 -3.88 -1.87
N THR A 245 -11.40 -4.03 -1.84
CA THR A 245 -10.09 -4.10 -1.10
CA THR A 245 -10.14 -4.13 -1.13
C THR A 245 -9.18 -2.89 -1.10
C THR A 245 -9.25 -2.91 -1.37
N ASN A 246 -9.48 -1.92 -1.94
CA ASN A 246 -8.84 -0.59 -2.02
C ASN A 246 -8.78 -0.02 -0.60
N THR A 247 -9.87 -0.23 0.16
CA THR A 247 -9.98 0.25 1.55
C THR A 247 -9.10 -0.51 2.50
N LEU A 248 -8.86 -1.77 2.27
CA LEU A 248 -7.92 -2.58 3.12
C LEU A 248 -6.50 -2.09 2.89
N LEU A 249 -6.14 -1.89 1.63
CA LEU A 249 -4.82 -1.38 1.22
C LEU A 249 -4.55 -0.03 1.83
N GLY A 250 -5.53 0.83 1.76
CA GLY A 250 -5.44 2.19 2.33
C GLY A 250 -5.05 2.14 3.79
N SER A 251 -5.65 1.21 4.51
CA SER A 251 -5.36 1.04 5.94
C SER A 251 -3.98 0.45 6.21
N ILE A 252 -3.58 -0.60 5.54
CA ILE A 252 -2.28 -1.22 5.81
C ILE A 252 -1.10 -0.38 5.34
N HIS A 253 -1.27 0.34 4.25
CA HIS A 253 -0.19 1.20 3.72
C HIS A 253 -0.13 2.52 4.46
N THR A 254 -1.05 2.73 5.41
CA THR A 254 -1.04 3.93 6.25
C THR A 254 -1.01 3.57 7.73
N PHE A 255 -0.76 2.31 8.02
CA PHE A 255 -0.56 1.79 9.36
C PHE A 255 0.69 2.43 10.00
N ASP A 256 0.52 2.92 11.18
CA ASP A 256 1.54 3.53 12.03
C ASP A 256 1.59 2.70 13.32
N PRO A 257 2.65 1.97 13.55
CA PRO A 257 2.80 1.14 14.75
C PRO A 257 2.68 1.89 16.06
N GLU A 258 2.80 3.19 16.07
CA GLU A 258 2.70 4.01 17.27
C GLU A 258 1.29 4.53 17.52
N ALA A 259 0.40 4.36 16.58
CA ALA A 259 -0.98 4.84 16.62
C ALA A 259 -1.89 3.95 17.46
N GLY A 260 -2.97 4.55 17.93
CA GLY A 260 -3.96 3.69 18.69
C GLY A 260 -4.96 3.27 17.58
N CYS A 261 -6.10 2.77 18.00
CA CYS A 261 -7.17 2.34 17.09
C CYS A 261 -8.00 3.54 16.67
N ASP A 262 -7.30 4.48 16.03
CA ASP A 262 -7.89 5.73 15.60
C ASP A 262 -8.74 5.58 14.33
N ASP A 263 -9.97 5.99 14.48
CA ASP A 263 -10.97 6.02 13.46
C ASP A 263 -10.70 7.12 12.44
N SER A 264 -10.15 8.25 12.85
CA SER A 264 -9.99 9.35 11.89
C SER A 264 -8.96 9.06 10.82
N THR A 265 -8.05 8.15 11.06
CA THR A 265 -7.01 7.77 10.10
C THR A 265 -7.20 6.35 9.65
N PHE A 266 -8.32 5.76 9.99
CA PHE A 266 -8.67 4.37 9.58
C PHE A 266 -7.63 3.34 9.93
N GLN A 267 -7.03 3.43 11.12
CA GLN A 267 -6.00 2.42 11.47
C GLN A 267 -6.59 1.03 11.46
N PRO A 268 -5.76 0.03 11.23
CA PRO A 268 -6.16 -1.38 11.22
C PRO A 268 -7.03 -1.87 12.36
N CYS A 269 -6.76 -1.44 13.60
CA CYS A 269 -7.54 -1.89 14.75
C CYS A 269 -8.71 -0.95 15.04
N SER A 270 -8.88 0.09 14.24
CA SER A 270 -10.00 1.03 14.52
C SER A 270 -11.31 0.33 14.25
N PRO A 271 -12.31 0.65 15.06
CA PRO A 271 -13.66 0.10 14.90
C PRO A 271 -14.08 0.21 13.42
N ARG A 272 -13.92 1.38 12.83
CA ARG A 272 -14.37 1.55 11.42
C ARG A 272 -13.66 0.60 10.44
N ALA A 273 -12.34 0.47 10.59
CA ALA A 273 -11.58 -0.44 9.70
C ALA A 273 -11.96 -1.89 9.94
N LEU A 274 -12.22 -2.28 11.17
CA LEU A 274 -12.63 -3.65 11.51
C LEU A 274 -14.02 -3.93 10.96
N ALA A 275 -14.95 -3.02 11.11
CA ALA A 275 -16.30 -3.19 10.55
C ALA A 275 -16.17 -3.31 9.03
N ASN A 276 -15.35 -2.41 8.44
CA ASN A 276 -15.10 -2.40 7.00
C ASN A 276 -14.57 -3.77 6.53
N HIS A 277 -13.60 -4.26 7.27
CA HIS A 277 -12.95 -5.54 6.96
C HIS A 277 -13.96 -6.64 6.70
N LYS A 278 -14.95 -6.75 7.60
CA LYS A 278 -15.97 -7.80 7.48
C LYS A 278 -16.86 -7.55 6.29
N GLU A 279 -17.27 -6.31 6.07
CA GLU A 279 -18.13 -6.03 4.91
C GLU A 279 -17.48 -6.39 3.59
N VAL A 280 -16.19 -6.03 3.45
CA VAL A 280 -15.43 -6.28 2.23
C VAL A 280 -15.31 -7.77 2.02
N VAL A 281 -14.69 -8.47 2.95
CA VAL A 281 -14.49 -9.92 2.87
C VAL A 281 -15.79 -10.66 2.61
N ASP A 282 -16.81 -10.35 3.42
CA ASP A 282 -18.09 -11.02 3.26
C ASP A 282 -18.62 -10.86 1.85
N SER A 283 -18.24 -9.79 1.16
CA SER A 283 -18.79 -9.54 -0.18
C SER A 283 -18.35 -10.56 -1.20
N PHE A 284 -17.34 -11.34 -0.91
CA PHE A 284 -16.78 -12.35 -1.81
C PHE A 284 -17.17 -13.78 -1.49
N ARG A 285 -17.80 -14.00 -0.35
CA ARG A 285 -18.16 -15.34 0.15
C ARG A 285 -19.08 -16.11 -0.78
N SER A 286 -20.06 -15.44 -1.36
CA SER A 286 -21.01 -16.13 -2.22
C SER A 286 -20.83 -15.96 -3.70
N ILE A 287 -19.81 -15.25 -4.17
CA ILE A 287 -19.59 -15.02 -5.61
C ILE A 287 -18.49 -15.89 -6.18
N TYR A 288 -17.71 -16.55 -5.36
CA TYR A 288 -16.64 -17.41 -5.79
C TYR A 288 -16.89 -18.84 -5.28
N THR A 289 -16.99 -19.74 -6.23
CA THR A 289 -17.19 -21.17 -6.01
C THR A 289 -16.13 -21.75 -5.12
N LEU A 290 -14.95 -21.16 -5.18
CA LEU A 290 -13.80 -21.60 -4.37
C LEU A 290 -14.11 -21.38 -2.89
N ASN A 291 -15.07 -20.53 -2.59
CA ASN A 291 -15.52 -20.14 -1.26
C ASN A 291 -16.72 -20.97 -0.77
N ASP A 292 -17.33 -21.69 -1.67
CA ASP A 292 -18.47 -22.55 -1.42
C ASP A 292 -18.20 -23.41 -0.17
N GLY A 293 -19.12 -23.38 0.77
CA GLY A 293 -19.06 -24.15 1.98
C GLY A 293 -18.28 -23.65 3.15
N LEU A 294 -17.67 -22.50 3.08
CA LEU A 294 -16.91 -21.97 4.23
C LEU A 294 -17.89 -21.23 5.12
N SER A 295 -17.62 -21.17 6.39
CA SER A 295 -18.53 -20.44 7.30
C SER A 295 -17.92 -19.05 7.52
N ASP A 296 -18.70 -18.17 8.06
CA ASP A 296 -18.37 -16.80 8.38
C ASP A 296 -17.18 -16.62 9.31
N SER A 297 -16.74 -17.68 9.94
CA SER A 297 -15.58 -17.48 10.87
C SER A 297 -14.33 -18.00 10.21
N GLU A 298 -14.47 -18.35 8.94
CA GLU A 298 -13.36 -18.84 8.13
C GLU A 298 -12.95 -17.86 7.05
N ALA A 299 -11.63 -17.85 6.82
CA ALA A 299 -11.01 -17.05 5.77
C ALA A 299 -11.47 -17.52 4.38
N VAL A 300 -11.65 -16.56 3.49
CA VAL A 300 -12.07 -16.76 2.12
C VAL A 300 -11.10 -16.10 1.14
N ALA A 301 -11.25 -16.50 -0.11
CA ALA A 301 -10.42 -15.98 -1.23
C ALA A 301 -11.01 -14.62 -1.52
N VAL A 302 -10.20 -13.59 -1.50
CA VAL A 302 -10.64 -12.21 -1.73
C VAL A 302 -10.12 -11.66 -3.06
N GLY A 303 -11.00 -10.90 -3.69
CA GLY A 303 -10.78 -10.21 -4.96
C GLY A 303 -10.70 -8.71 -4.68
N ARG A 304 -10.87 -7.93 -5.75
CA ARG A 304 -10.81 -6.46 -5.62
C ARG A 304 -12.12 -5.87 -5.13
N TYR A 305 -13.20 -6.10 -5.83
CA TYR A 305 -14.56 -5.63 -5.54
C TYR A 305 -15.51 -6.68 -6.10
N PRO A 306 -16.68 -6.83 -5.51
CA PRO A 306 -17.63 -7.85 -5.89
C PRO A 306 -18.16 -7.76 -7.30
N GLU A 307 -18.18 -6.57 -7.87
CA GLU A 307 -18.65 -6.33 -9.23
C GLU A 307 -17.58 -6.55 -10.29
N ASP A 308 -16.34 -6.73 -9.97
CA ASP A 308 -15.21 -6.95 -10.89
C ASP A 308 -15.54 -7.99 -11.96
N SER A 309 -15.09 -7.68 -13.18
CA SER A 309 -15.28 -8.59 -14.32
C SER A 309 -13.97 -8.75 -15.10
N TYR A 310 -12.91 -8.18 -14.55
CA TYR A 310 -11.57 -8.30 -15.15
C TYR A 310 -11.19 -9.78 -15.07
N TYR A 311 -10.95 -10.35 -16.24
CA TYR A 311 -10.67 -11.77 -16.41
C TYR A 311 -11.80 -12.63 -15.84
N ASN A 312 -12.97 -12.05 -15.67
CA ASN A 312 -14.20 -12.62 -15.16
C ASN A 312 -14.44 -12.29 -13.67
N GLY A 313 -13.49 -11.66 -13.05
CA GLY A 313 -13.65 -11.29 -11.63
C GLY A 313 -13.19 -12.49 -10.79
N ASN A 314 -11.95 -12.41 -10.32
CA ASN A 314 -11.36 -13.49 -9.52
C ASN A 314 -10.65 -12.94 -8.29
N PRO A 315 -10.35 -13.82 -7.35
CA PRO A 315 -9.58 -13.42 -6.17
C PRO A 315 -8.20 -12.97 -6.70
N TRP A 316 -7.53 -12.17 -5.90
CA TRP A 316 -6.19 -11.67 -6.25
C TRP A 316 -5.27 -12.02 -5.07
N PHE A 317 -4.09 -12.50 -5.31
CA PHE A 317 -3.16 -12.81 -4.21
C PHE A 317 -2.97 -11.62 -3.27
N LEU A 318 -2.72 -10.45 -3.82
CA LEU A 318 -2.49 -9.24 -3.00
C LEU A 318 -3.69 -8.80 -2.18
N CYS A 319 -4.88 -9.06 -2.65
CA CYS A 319 -6.15 -8.67 -1.96
C CYS A 319 -6.37 -9.62 -0.79
N THR A 320 -6.08 -10.90 -1.03
CA THR A 320 -6.17 -11.91 0.00
C THR A 320 -5.11 -11.67 1.08
N LEU A 321 -3.92 -11.23 0.70
CA LEU A 321 -2.87 -10.97 1.67
C LEU A 321 -3.14 -9.72 2.47
N ALA A 322 -3.81 -8.74 1.89
CA ALA A 322 -4.16 -7.49 2.55
C ALA A 322 -5.18 -7.78 3.66
N ALA A 323 -6.03 -8.75 3.40
CA ALA A 323 -7.08 -9.10 4.39
C ALA A 323 -6.43 -9.67 5.64
N ALA A 324 -5.33 -10.39 5.42
CA ALA A 324 -4.57 -11.01 6.49
C ALA A 324 -3.74 -9.95 7.17
N GLU A 325 -3.08 -9.12 6.38
CA GLU A 325 -2.20 -8.09 6.94
C GLU A 325 -2.85 -7.12 7.87
N GLN A 326 -4.10 -6.74 7.59
CA GLN A 326 -4.79 -5.78 8.47
C GLN A 326 -4.95 -6.38 9.87
N LEU A 327 -5.23 -7.67 9.96
CA LEU A 327 -5.39 -8.41 11.23
C LEU A 327 -4.08 -8.51 11.96
N TYR A 328 -3.00 -8.77 11.24
CA TYR A 328 -1.66 -8.83 11.85
C TYR A 328 -1.33 -7.54 12.55
N ASP A 329 -1.70 -6.48 11.88
CA ASP A 329 -1.50 -5.08 12.30
C ASP A 329 -2.32 -4.78 13.53
N ALA A 330 -3.59 -5.15 13.51
CA ALA A 330 -4.48 -4.92 14.66
C ALA A 330 -3.96 -5.73 15.84
N LEU A 331 -3.51 -6.95 15.61
CA LEU A 331 -2.99 -7.79 16.72
C LEU A 331 -1.84 -7.10 17.43
N TYR A 332 -0.97 -6.52 16.63
CA TYR A 332 0.23 -5.83 17.11
C TYR A 332 -0.16 -4.62 17.94
N GLN A 333 -1.12 -3.88 17.42
CA GLN A 333 -1.64 -2.67 18.03
C GLN A 333 -2.26 -2.99 19.40
N TRP A 334 -3.08 -4.03 19.47
CA TRP A 334 -3.73 -4.47 20.71
C TRP A 334 -2.70 -4.91 21.75
N ASP A 335 -1.73 -5.65 21.31
CA ASP A 335 -0.66 -6.13 22.21
C ASP A 335 0.13 -4.97 22.75
N LYS A 336 0.50 -4.05 21.88
CA LYS A 336 1.29 -2.88 22.25
C LYS A 336 0.59 -2.04 23.30
N GLN A 337 -0.70 -1.91 23.18
CA GLN A 337 -1.63 -1.16 24.01
C GLN A 337 -1.99 -1.87 25.34
N GLY A 338 -2.05 -3.18 25.28
CA GLY A 338 -2.40 -3.99 26.42
C GLY A 338 -3.89 -4.12 26.55
N SER A 339 -4.65 -3.84 25.51
CA SER A 339 -6.12 -4.01 25.57
C SER A 339 -6.67 -3.93 24.15
N LEU A 340 -7.93 -4.24 24.06
CA LEU A 340 -8.76 -4.26 22.86
C LEU A 340 -10.14 -3.78 23.33
N GLU A 341 -10.78 -3.11 22.42
CA GLU A 341 -12.11 -2.61 22.74
C GLU A 341 -13.10 -3.08 21.69
N ILE A 342 -14.28 -3.49 22.17
CA ILE A 342 -15.36 -3.89 21.25
C ILE A 342 -16.43 -2.80 21.39
N THR A 343 -16.83 -2.17 20.32
CA THR A 343 -17.84 -1.13 20.26
C THR A 343 -18.97 -1.67 19.41
N ASP A 344 -20.04 -0.92 19.30
CA ASP A 344 -21.22 -1.30 18.52
C ASP A 344 -20.88 -1.42 17.04
N VAL A 345 -19.90 -0.61 16.65
CA VAL A 345 -19.41 -0.54 15.27
C VAL A 345 -18.66 -1.82 14.94
N SER A 346 -17.78 -2.28 15.82
CA SER A 346 -17.00 -3.47 15.54
C SER A 346 -17.55 -4.77 16.06
N LEU A 347 -18.73 -4.77 16.67
CA LEU A 347 -19.32 -5.98 17.23
C LEU A 347 -19.45 -7.12 16.25
N ASP A 348 -20.06 -6.88 15.11
CA ASP A 348 -20.24 -7.96 14.12
C ASP A 348 -18.91 -8.53 13.71
N PHE A 349 -17.90 -7.67 13.60
CA PHE A 349 -16.55 -8.18 13.23
C PHE A 349 -16.16 -9.26 14.24
N PHE A 350 -16.20 -8.87 15.50
CA PHE A 350 -15.81 -9.76 16.61
C PHE A 350 -16.74 -10.93 16.87
N LYS A 351 -18.01 -10.67 16.85
CA LYS A 351 -19.04 -11.69 17.08
C LYS A 351 -18.98 -12.85 16.09
N ALA A 352 -18.57 -12.59 14.85
CA ALA A 352 -18.44 -13.63 13.83
C ALA A 352 -17.31 -14.60 14.17
N LEU A 353 -16.31 -14.13 14.89
CA LEU A 353 -15.16 -14.96 15.24
C LEU A 353 -15.29 -15.51 16.66
N TYR A 354 -15.97 -14.75 17.49
CA TYR A 354 -16.17 -15.14 18.89
C TYR A 354 -17.60 -14.79 19.28
N SER A 355 -18.45 -15.79 19.22
CA SER A 355 -19.88 -15.62 19.53
C SER A 355 -20.13 -15.01 20.89
N GLY A 356 -19.25 -15.08 21.83
CA GLY A 356 -19.43 -14.48 23.15
C GLY A 356 -19.00 -13.03 23.21
N ALA A 357 -18.81 -12.42 22.04
CA ALA A 357 -18.33 -11.04 21.99
C ALA A 357 -19.40 -10.07 22.46
N ALA A 358 -18.95 -9.14 23.30
CA ALA A 358 -19.88 -8.11 23.81
C ALA A 358 -19.05 -6.84 23.95
N THR A 359 -19.68 -5.70 23.78
CA THR A 359 -18.97 -4.42 23.89
C THR A 359 -18.35 -4.30 25.25
N GLY A 360 -17.25 -3.58 25.35
CA GLY A 360 -16.49 -3.33 26.57
C GLY A 360 -15.00 -3.27 26.22
N THR A 361 -14.19 -3.02 27.23
CA THR A 361 -12.73 -2.97 27.13
C THR A 361 -12.15 -4.26 27.72
N TYR A 362 -11.27 -4.88 26.97
CA TYR A 362 -10.66 -6.15 27.40
C TYR A 362 -9.18 -6.02 27.59
N SER A 363 -8.75 -6.15 28.85
CA SER A 363 -7.30 -6.02 29.12
C SER A 363 -6.61 -7.24 28.56
N SER A 364 -5.32 -7.09 28.27
CA SER A 364 -4.56 -8.21 27.67
C SER A 364 -4.41 -9.41 28.59
N SER A 365 -4.69 -9.29 29.87
CA SER A 365 -4.57 -10.47 30.77
C SER A 365 -5.91 -11.19 30.91
N SER A 366 -6.98 -10.65 30.35
CA SER A 366 -8.33 -11.16 30.42
C SER A 366 -8.57 -12.34 29.50
N SER A 367 -9.53 -13.16 29.91
CA SER A 367 -9.95 -14.33 29.15
C SER A 367 -10.52 -13.95 27.77
N THR A 368 -11.35 -12.91 27.74
CA THR A 368 -11.96 -12.51 26.47
C THR A 368 -10.85 -12.16 25.47
N TYR A 369 -9.93 -11.35 25.95
CA TYR A 369 -8.78 -10.95 25.13
C TYR A 369 -8.07 -12.20 24.58
N SER A 370 -7.65 -13.12 25.40
CA SER A 370 -6.98 -14.31 24.89
C SER A 370 -7.77 -15.03 23.80
N SER A 371 -9.05 -15.19 24.00
CA SER A 371 -9.98 -15.87 23.13
C SER A 371 -10.10 -15.19 21.75
N ILE A 372 -10.23 -13.89 21.76
CA ILE A 372 -10.36 -13.04 20.60
C ILE A 372 -9.05 -13.01 19.81
N VAL A 373 -7.92 -12.72 20.43
CA VAL A 373 -6.63 -12.68 19.76
C VAL A 373 -6.33 -14.02 19.13
N SER A 374 -6.65 -15.16 19.72
CA SER A 374 -6.40 -16.44 19.05
C SER A 374 -7.27 -16.63 17.82
N ALA A 375 -8.54 -16.30 17.95
CA ALA A 375 -9.49 -16.43 16.85
C ALA A 375 -9.01 -15.55 15.70
N VAL A 376 -8.57 -14.35 16.01
CA VAL A 376 -8.12 -13.34 15.04
C VAL A 376 -6.88 -13.87 14.32
N LYS A 377 -5.91 -14.37 15.04
CA LYS A 377 -4.68 -14.94 14.47
C LYS A 377 -5.03 -16.11 13.55
N THR A 378 -5.93 -16.97 14.01
CA THR A 378 -6.32 -18.13 13.20
C THR A 378 -6.94 -17.73 11.88
N PHE A 379 -7.80 -16.75 11.92
CA PHE A 379 -8.54 -16.18 10.78
C PHE A 379 -7.55 -15.54 9.80
N ALA A 380 -6.68 -14.70 10.28
CA ALA A 380 -5.62 -14.03 9.54
C ALA A 380 -4.76 -15.08 8.82
N ASP A 381 -4.23 -16.05 9.54
CA ASP A 381 -3.43 -17.14 8.96
C ASP A 381 -4.19 -17.90 7.90
N GLY A 382 -5.48 -18.04 8.04
CA GLY A 382 -6.36 -18.74 7.10
C GLY A 382 -6.32 -18.08 5.74
N PHE A 383 -6.28 -16.77 5.64
CA PHE A 383 -6.20 -16.10 4.33
C PHE A 383 -4.84 -16.44 3.67
N VAL A 384 -3.84 -16.53 4.52
CA VAL A 384 -2.50 -16.85 4.08
C VAL A 384 -2.44 -18.27 3.53
N SER A 385 -3.18 -19.19 4.09
CA SER A 385 -3.19 -20.57 3.60
C SER A 385 -3.85 -20.66 2.23
N ILE A 386 -4.79 -19.80 1.97
CA ILE A 386 -5.48 -19.75 0.67
C ILE A 386 -4.41 -19.40 -0.37
N VAL A 387 -3.55 -18.46 -0.07
CA VAL A 387 -2.45 -18.02 -0.90
C VAL A 387 -1.53 -19.21 -1.14
N GLU A 388 -1.08 -19.80 -0.06
CA GLU A 388 -0.21 -20.95 -0.05
C GLU A 388 -0.80 -22.07 -0.90
N THR A 389 -2.09 -22.35 -0.80
CA THR A 389 -2.75 -23.40 -1.56
C THR A 389 -2.71 -23.15 -3.08
N HIS A 390 -2.78 -21.89 -3.47
CA HIS A 390 -2.83 -21.58 -4.90
C HIS A 390 -1.56 -21.06 -5.52
N ALA A 391 -0.54 -20.86 -4.71
CA ALA A 391 0.76 -20.38 -5.25
C ALA A 391 1.30 -21.49 -6.14
N ALA A 392 2.17 -21.20 -7.09
CA ALA A 392 2.72 -22.27 -7.95
C ALA A 392 3.69 -23.05 -7.07
N SER A 393 4.00 -24.25 -7.47
CA SER A 393 4.92 -25.14 -6.74
C SER A 393 6.27 -24.50 -6.51
N ASN A 394 6.77 -23.68 -7.41
CA ASN A 394 8.08 -23.06 -7.16
C ASN A 394 7.91 -21.74 -6.43
N GLY A 395 6.69 -21.38 -6.06
CA GLY A 395 6.45 -20.17 -5.30
C GLY A 395 5.97 -19.00 -6.13
N SER A 396 5.80 -19.20 -7.42
CA SER A 396 5.36 -18.10 -8.29
C SER A 396 3.98 -17.59 -7.87
N LEU A 397 3.95 -16.27 -7.76
CA LEU A 397 2.71 -15.54 -7.39
C LEU A 397 2.37 -14.69 -8.64
N SER A 398 1.21 -14.95 -9.07
CA SER A 398 0.51 -14.40 -10.22
C SER A 398 -0.34 -13.21 -9.75
N GLU A 399 -1.07 -12.61 -10.67
CA GLU A 399 -1.95 -11.50 -10.29
C GLU A 399 -3.23 -12.11 -9.67
N GLN A 400 -3.84 -13.02 -10.41
CA GLN A 400 -5.08 -13.66 -9.96
C GLN A 400 -4.98 -15.17 -9.83
N PHE A 401 -6.02 -15.70 -9.23
CA PHE A 401 -6.18 -17.18 -9.06
C PHE A 401 -7.68 -17.38 -9.36
N ASP A 402 -7.94 -18.36 -10.17
CA ASP A 402 -9.29 -18.64 -10.66
C ASP A 402 -10.31 -18.81 -9.54
N LYS A 403 -11.41 -18.13 -9.69
CA LYS A 403 -12.57 -18.09 -8.80
C LYS A 403 -13.25 -19.46 -8.57
N SER A 404 -13.08 -20.37 -9.50
CA SER A 404 -13.62 -21.71 -9.47
C SER A 404 -12.61 -22.78 -9.09
N ASP A 405 -11.46 -22.80 -9.76
CA ASP A 405 -10.45 -23.84 -9.51
C ASP A 405 -9.16 -23.35 -8.91
N GLY A 406 -8.98 -22.07 -8.68
CA GLY A 406 -7.75 -21.58 -8.06
C GLY A 406 -6.52 -21.57 -8.90
N ASP A 407 -6.57 -21.89 -10.18
CA ASP A 407 -5.36 -21.85 -11.02
C ASP A 407 -4.98 -20.37 -11.22
N GLU A 408 -3.71 -20.15 -11.35
CA GLU A 408 -3.15 -18.81 -11.56
C GLU A 408 -3.56 -18.32 -12.95
N LEU A 409 -3.87 -17.06 -13.01
CA LEU A 409 -4.31 -16.43 -14.28
C LEU A 409 -3.86 -14.98 -14.23
N SER A 410 -4.04 -14.30 -15.33
CA SER A 410 -3.65 -12.91 -15.55
C SER A 410 -2.13 -12.78 -15.55
N ALA A 411 -1.54 -11.66 -15.20
CA ALA A 411 -0.07 -11.50 -15.27
C ALA A 411 0.71 -12.45 -14.40
N ARG A 412 1.69 -13.14 -14.89
CA ARG A 412 2.51 -14.06 -14.07
C ARG A 412 3.54 -13.24 -13.30
N ASP A 413 4.09 -13.82 -12.25
CA ASP A 413 5.14 -13.19 -11.46
C ASP A 413 4.92 -11.68 -11.27
N LEU A 414 3.79 -11.31 -10.70
CA LEU A 414 3.47 -9.90 -10.50
C LEU A 414 4.26 -9.41 -9.30
N THR A 415 5.15 -8.46 -9.53
CA THR A 415 6.01 -7.88 -8.50
C THR A 415 5.23 -7.50 -7.26
N TRP A 416 4.07 -6.88 -7.51
CA TRP A 416 3.21 -6.43 -6.41
C TRP A 416 2.80 -7.63 -5.55
N SER A 417 2.48 -8.78 -6.17
CA SER A 417 2.12 -9.97 -5.41
C SER A 417 3.27 -10.31 -4.46
N TYR A 418 4.49 -10.26 -4.95
CA TYR A 418 5.67 -10.57 -4.15
C TYR A 418 5.85 -9.57 -3.03
N ALA A 419 5.60 -8.30 -3.25
CA ALA A 419 5.76 -7.31 -2.15
C ALA A 419 4.71 -7.53 -1.06
N ALA A 420 3.47 -7.78 -1.48
CA ALA A 420 2.34 -8.01 -0.55
C ALA A 420 2.64 -9.20 0.35
N LEU A 421 3.35 -10.19 -0.21
CA LEU A 421 3.70 -11.40 0.56
C LEU A 421 4.70 -11.00 1.63
N LEU A 422 5.68 -10.19 1.19
CA LEU A 422 6.74 -9.79 2.10
C LEU A 422 6.18 -9.01 3.29
N THR A 423 5.28 -8.10 3.03
CA THR A 423 4.72 -7.30 4.12
C THR A 423 3.80 -8.14 4.99
N ALA A 424 2.97 -8.98 4.43
CA ALA A 424 2.07 -9.80 5.27
C ALA A 424 2.93 -10.65 6.22
N ASN A 425 4.03 -11.14 5.73
CA ASN A 425 4.92 -11.99 6.52
C ASN A 425 5.61 -11.22 7.62
N ASN A 426 6.05 -10.01 7.32
CA ASN A 426 6.76 -9.17 8.31
C ASN A 426 5.81 -8.88 9.49
N ARG A 427 4.62 -8.42 9.14
CA ARG A 427 3.57 -8.09 10.11
C ARG A 427 3.24 -9.30 10.97
N ARG A 428 3.10 -10.44 10.35
CA ARG A 428 2.84 -11.72 10.99
C ARG A 428 3.88 -11.95 12.08
N ASN A 429 5.11 -11.56 11.76
CA ASN A 429 6.25 -11.71 12.67
C ASN A 429 6.46 -10.50 13.53
N SER A 430 5.56 -9.55 13.53
CA SER A 430 5.70 -8.35 14.35
C SER A 430 6.79 -7.43 13.85
N VAL A 431 7.15 -7.52 12.58
CA VAL A 431 8.15 -6.54 12.05
C VAL A 431 7.28 -5.46 11.43
N VAL A 432 7.32 -4.33 12.05
CA VAL A 432 6.48 -3.18 11.63
C VAL A 432 7.34 -2.10 10.98
N PRO A 433 6.69 -1.22 10.23
CA PRO A 433 7.39 -0.15 9.56
C PRO A 433 7.63 1.02 10.45
N PRO A 434 8.61 1.83 10.09
CA PRO A 434 8.88 3.06 10.85
C PRO A 434 7.57 3.86 10.90
N SER A 435 7.40 4.53 11.99
CA SER A 435 6.19 5.38 12.21
C SER A 435 6.23 6.58 11.30
N TRP A 436 5.09 7.13 10.90
CA TRP A 436 5.05 8.31 10.01
C TRP A 436 4.55 9.57 10.69
N GLY A 437 4.34 9.54 11.97
CA GLY A 437 3.88 10.65 12.77
C GLY A 437 2.38 10.76 12.89
N GLU A 438 1.65 9.67 12.81
CA GLU A 438 0.19 9.65 12.86
C GLU A 438 -0.38 10.28 14.13
N THR A 439 0.38 10.13 15.18
CA THR A 439 0.01 10.61 16.52
C THR A 439 -0.10 12.10 16.61
N SER A 440 0.41 12.83 15.64
CA SER A 440 0.26 14.29 15.61
C SER A 440 -0.54 14.66 14.34
N ALA A 441 -1.20 13.71 13.71
CA ALA A 441 -1.94 14.02 12.48
C ALA A 441 -3.19 13.20 12.38
N SER A 442 -3.92 13.18 13.48
CA SER A 442 -5.21 12.46 13.53
C SER A 442 -6.31 13.38 13.99
N SER A 443 -6.00 14.63 14.27
CA SER A 443 -7.03 15.62 14.70
C SER A 443 -7.72 16.18 13.48
N VAL A 444 -9.03 16.07 13.40
CA VAL A 444 -9.83 16.51 12.27
C VAL A 444 -10.33 17.95 12.42
N PRO A 445 -10.10 18.79 11.42
CA PRO A 445 -10.60 20.18 11.47
C PRO A 445 -12.13 20.19 11.55
N GLY A 446 -12.65 21.23 12.18
CA GLY A 446 -14.09 21.45 12.40
C GLY A 446 -14.84 21.70 11.12
N THR A 447 -14.16 22.28 10.16
CA THR A 447 -14.73 22.58 8.83
C THR A 447 -13.77 22.18 7.72
N CYS A 448 -14.26 21.39 6.78
CA CYS A 448 -13.50 20.94 5.63
C CYS A 448 -13.66 21.98 4.51
N ALA A 449 -12.58 22.30 3.87
CA ALA A 449 -12.55 23.24 2.76
C ALA A 449 -12.02 22.50 1.53
N ALA A 450 -12.59 22.84 0.40
CA ALA A 450 -12.22 22.35 -0.93
C ALA A 450 -11.12 23.38 -1.33
N THR A 451 -9.89 22.95 -1.19
CA THR A 451 -8.70 23.77 -1.42
C THR A 451 -7.51 23.01 -1.97
N SER A 452 -6.42 23.76 -2.08
CA SER A 452 -5.11 23.36 -2.54
C SER A 452 -4.09 24.41 -2.07
N ALA A 453 -2.84 24.08 -2.26
CA ALA A 453 -1.67 24.89 -2.00
C ALA A 453 -0.73 24.54 -3.18
N SER A 454 0.02 25.49 -3.63
CA SER A 454 0.95 25.26 -4.76
C SER A 454 2.34 25.25 -4.15
N GLY A 455 3.12 24.23 -4.37
CA GLY A 455 4.46 24.18 -3.79
C GLY A 455 5.50 24.68 -4.78
N THR A 456 6.42 23.79 -5.12
CA THR A 456 7.49 24.21 -6.03
C THR A 456 8.07 23.02 -6.75
N TYR A 457 8.41 23.29 -7.99
CA TYR A 457 8.93 22.27 -8.90
C TYR A 457 10.31 22.64 -9.42
N SER A 458 11.16 21.64 -9.39
CA SER A 458 12.54 21.81 -9.85
C SER A 458 13.09 20.45 -10.24
N SER A 459 13.71 20.46 -11.41
CA SER A 459 14.29 19.23 -11.97
C SER A 459 15.57 18.87 -11.23
N VAL A 460 15.67 17.62 -10.80
CA VAL A 460 16.84 17.15 -10.05
C VAL A 460 17.76 16.33 -10.96
N THR A 461 19.04 16.55 -10.77
CA THR A 461 20.10 15.85 -11.52
C THR A 461 20.97 15.12 -10.50
N VAL A 462 21.07 13.82 -10.65
CA VAL A 462 21.88 13.00 -9.73
C VAL A 462 23.21 12.75 -10.44
N THR A 463 24.16 13.63 -10.15
CA THR A 463 25.49 13.52 -10.77
C THR A 463 26.32 12.40 -10.14
N SER A 464 26.20 12.24 -8.84
CA SER A 464 26.95 11.18 -8.13
C SER A 464 26.34 10.81 -6.78
N TRP A 465 26.43 9.52 -6.50
CA TRP A 465 26.02 8.94 -5.23
C TRP A 465 27.30 8.83 -4.38
N PRO A 466 27.23 9.32 -3.16
CA PRO A 466 28.37 9.19 -2.22
C PRO A 466 28.68 7.71 -2.10
N SER A 467 29.88 7.35 -1.63
CA SER A 467 30.17 5.90 -1.51
C SER A 467 29.71 5.44 -0.14
N ILE A 468 28.45 5.05 -0.15
CA ILE A 468 27.69 4.56 1.00
C ILE A 468 28.08 3.11 1.25
N VAL A 469 28.23 2.86 2.52
CA VAL A 469 28.56 1.53 3.07
C VAL A 469 27.46 1.25 4.10
N ALA A 470 26.81 0.12 3.91
CA ALA A 470 25.74 -0.30 4.84
C ALA A 470 26.33 -1.48 5.61
C1 NAG B . -12.77 18.62 -2.50
C2 NAG B . -13.57 17.36 -2.89
C3 NAG B . -15.02 17.47 -2.40
C4 NAG B . -15.09 17.78 -0.94
C5 NAG B . -14.29 19.01 -0.59
C6 NAG B . -14.21 19.32 0.89
C7 NAG B . -12.73 16.17 -4.89
C8 NAG B . -13.05 15.75 -6.37
N2 NAG B . -13.55 17.09 -4.33
O3 NAG B . -15.71 16.24 -2.62
O4 NAG B . -16.44 18.07 -0.58
O5 NAG B . -12.95 18.81 -1.08
O6 NAG B . -13.75 18.27 1.74
O7 NAG B . -11.77 15.66 -4.28
C1 NAG B . -17.09 17.11 0.17
C2 NAG B . -18.27 17.75 0.91
C3 NAG B . -19.02 16.61 1.67
C4 NAG B . -19.43 15.50 0.73
C5 NAG B . -18.17 14.92 0.06
C6 NAG B . -18.50 13.87 -0.98
C7 NAG B . -17.91 20.01 1.87
C8 NAG B . -17.34 20.78 3.11
N2 NAG B . -17.81 18.67 1.93
O3 NAG B . -20.19 17.16 2.22
O4 NAG B . -20.07 14.44 1.41
O5 NAG B . -17.55 16.03 -0.63
O6 NAG B . -19.41 14.39 -1.96
O7 NAG B . -18.43 20.59 0.89
C1 BMA B . -21.34 14.12 0.92
C2 BMA B . -21.60 12.63 1.07
C3 BMA B . -23.02 12.30 0.59
C4 BMA B . -24.04 13.13 1.36
C5 BMA B . -23.70 14.62 1.25
C6 BMA B . -24.55 15.52 2.11
O2 BMA B . -21.46 12.20 2.40
O3 BMA B . -23.37 10.93 0.71
O4 BMA B . -25.34 12.93 0.77
O5 BMA B . -22.34 14.81 1.68
O6 BMA B . -23.84 16.42 2.95
C1 MAN B . -22.77 9.93 0.00
C2 MAN B . -23.60 8.70 -0.32
C3 MAN B . -23.91 7.83 0.89
C4 MAN B . -22.73 7.59 1.80
C5 MAN B . -21.98 8.87 2.05
C6 MAN B . -20.70 8.79 2.84
O2 MAN B . -22.84 7.89 -1.24
O3 MAN B . -24.32 6.49 0.50
O4 MAN B . -23.26 7.16 3.07
O5 MAN B . -21.61 9.44 0.75
O6 MAN B . -20.25 10.11 3.16
C1 MAN B . -23.42 7.55 -2.44
C2 MAN B . -22.47 6.58 -3.17
C3 MAN B . -21.27 7.32 -3.77
C4 MAN B . -21.77 8.46 -4.64
C5 MAN B . -22.53 9.42 -3.70
C6 MAN B . -22.94 10.76 -4.25
O2 MAN B . -23.17 5.93 -4.25
O3 MAN B . -20.42 6.45 -4.52
O4 MAN B . -20.68 9.13 -5.30
O5 MAN B . -23.72 8.70 -3.26
O6 MAN B . -22.28 11.88 -3.66
C1 NAG C . 8.48 -21.01 -11.45
C2 NAG C . 9.25 -19.74 -11.80
C3 NAG C . 8.57 -19.02 -12.97
C4 NAG C . 8.37 -19.96 -14.15
C5 NAG C . 7.51 -21.14 -13.66
C6 NAG C . 7.16 -22.25 -14.64
C7 NAG C . 10.16 -18.62 -9.78
C8 NAG C . 9.83 -17.76 -8.53
N2 NAG C . 9.17 -18.83 -10.66
O3 NAG C . 9.27 -17.86 -13.41
O4 NAG C . 7.61 -19.27 -15.14
O5 NAG C . 8.33 -21.80 -12.64
O6 NAG C . 8.36 -22.59 -15.36
O7 NAG C . 11.30 -19.10 -9.98
C1 NAG C . 8.13 -19.33 -16.42
C2 NAG C . 6.96 -18.91 -17.32
C3 NAG C . 7.41 -18.62 -18.74
C4 NAG C . 8.60 -17.72 -18.78
C5 NAG C . 9.73 -18.27 -17.94
C6 NAG C . 10.88 -17.26 -17.84
C7 NAG C . 4.80 -19.81 -16.65
C8 NAG C . 3.81 -20.99 -16.86
N2 NAG C . 5.95 -19.95 -17.35
O3 NAG C . 6.33 -17.91 -19.39
O4 NAG C . 9.15 -17.63 -20.08
O5 NAG C . 9.25 -18.46 -16.59
O6 NAG C . 12.00 -17.84 -17.18
O7 NAG C . 4.57 -18.81 -15.95
C1 BMA C . 8.58 -16.65 -20.89
C2 BMA C . 9.69 -16.13 -21.81
C3 BMA C . 9.12 -15.10 -22.78
C4 BMA C . 7.94 -15.62 -23.55
C5 BMA C . 6.90 -16.13 -22.54
C6 BMA C . 5.67 -16.71 -23.15
O2 BMA C . 10.25 -17.17 -22.59
O3 BMA C . 10.11 -14.77 -23.75
O4 BMA C . 7.38 -14.56 -24.31
O5 BMA C . 7.56 -17.15 -21.74
O6 BMA C . 4.60 -16.95 -22.27
C1 MAN C . 10.67 -13.52 -23.51
C2 MAN C . 11.32 -13.10 -24.82
C3 MAN C . 12.42 -14.09 -25.18
C4 MAN C . 13.46 -14.12 -24.08
C5 MAN C . 12.82 -14.48 -22.74
C6 MAN C . 13.78 -14.32 -21.59
O2 MAN C . 11.88 -11.81 -24.62
O3 MAN C . 13.05 -13.68 -26.39
O4 MAN C . 14.49 -15.05 -24.38
O5 MAN C . 11.71 -13.58 -22.53
O6 MAN C . 13.29 -14.21 -20.27
C1 MAN C . 10.91 -10.85 -24.79
C2 MAN C . 11.70 -9.55 -25.12
C3 MAN C . 12.59 -9.24 -23.92
C4 MAN C . 11.76 -9.07 -22.66
C5 MAN C . 10.86 -10.28 -22.41
C6 MAN C . 9.88 -10.07 -21.29
O2 MAN C . 10.75 -8.51 -25.29
O3 MAN C . 13.29 -8.01 -24.15
O4 MAN C . 12.66 -8.99 -21.54
O5 MAN C . 10.12 -10.60 -23.61
O6 MAN C . 9.41 -11.25 -20.68
C1 MAN C . 10.53 -8.03 -26.56
C2 MAN C . 10.51 -6.50 -26.33
C3 MAN C . 9.24 -6.15 -25.57
C4 MAN C . 8.02 -6.61 -26.32
C5 MAN C . 8.06 -8.12 -26.52
C6 MAN C . 6.96 -8.61 -27.45
O2 MAN C . 10.53 -5.82 -27.59
O3 MAN C . 9.16 -4.73 -25.41
O4 MAN C . 6.82 -6.24 -25.62
O5 MAN C . 9.30 -8.54 -27.12
O6 MAN C . 5.73 -9.03 -26.84
C1 MAN C . 3.42 -17.41 -22.83
C2 MAN C . 2.41 -17.37 -21.66
C3 MAN C . 2.88 -18.38 -20.62
C4 MAN C . 2.98 -19.76 -21.21
C5 MAN C . 3.94 -19.76 -22.41
C6 MAN C . 4.05 -21.07 -23.12
O2 MAN C . 1.10 -17.71 -22.12
O3 MAN C . 1.93 -18.44 -19.54
O4 MAN C . 3.45 -20.68 -20.21
O5 MAN C . 3.56 -18.74 -23.36
O6 MAN C . 2.95 -21.48 -23.98
C1 MAN C . 2.36 -17.77 -18.39
C2 MAN C . 1.49 -18.34 -17.27
C3 MAN C . 0.06 -17.84 -17.44
C4 MAN C . 0.05 -16.33 -17.56
C5 MAN C . 0.85 -15.93 -18.82
C6 MAN C . 0.87 -14.46 -19.16
O2 MAN C . 1.93 -17.98 -15.95
O3 MAN C . -0.73 -18.21 -16.30
O4 MAN C . -1.30 -15.91 -17.72
O5 MAN C . 2.22 -16.36 -18.63
O6 MAN C . 1.36 -13.62 -18.12
C1 MAN D . -3.85 11.41 16.32
C2 MAN D . -4.06 10.81 17.73
C3 MAN D . -4.92 11.78 18.53
C4 MAN D . -4.27 13.15 18.59
C5 MAN D . -4.11 13.69 17.17
C6 MAN D . -3.40 15.03 17.08
O2 MAN D . -2.81 10.71 18.44
O3 MAN D . -5.05 11.28 19.86
O4 MAN D . -5.16 14.06 19.28
O5 MAN D . -3.35 12.78 16.38
O6 MAN D . -3.18 15.43 15.71
C1 MAN E . -6.49 19.04 15.93
C2 MAN E . -7.64 20.07 15.96
C3 MAN E . -7.96 20.51 14.54
C4 MAN E . -6.72 20.98 13.80
C5 MAN E . -5.72 19.82 13.76
C6 MAN E . -4.43 20.05 13.00
O2 MAN E . -7.26 21.21 16.73
O3 MAN E . -8.93 21.58 14.58
O4 MAN E . -7.05 21.36 12.46
O5 MAN E . -5.37 19.47 15.13
O6 MAN E . -3.61 18.89 12.86
C1 MAN F . -8.21 26.75 -0.66
C2 MAN F . -7.10 27.68 -1.17
C3 MAN F . -6.15 28.02 -0.02
C4 MAN F . -6.89 28.60 1.17
C5 MAN F . -7.90 27.55 1.65
C6 MAN F . -8.67 27.86 2.91
O2 MAN F . -7.64 28.90 -1.68
O3 MAN F . -5.18 28.97 -0.47
O4 MAN F . -5.97 28.87 2.23
O5 MAN F . -8.82 27.37 0.53
O6 MAN F . -10.03 28.23 2.72
C1 MAN G . -4.71 24.62 -5.95
C2 MAN G . -3.87 25.85 -6.36
C3 MAN G . -4.41 27.09 -5.66
C4 MAN G . -5.88 27.30 -5.99
C5 MAN G . -6.65 26.05 -5.64
C6 MAN G . -8.13 26.05 -5.92
O2 MAN G . -4.02 26.07 -7.77
O3 MAN G . -3.72 28.26 -6.12
O4 MAN G . -6.34 28.39 -5.19
O5 MAN G . -6.06 24.91 -6.36
O6 MAN G . -8.88 25.75 -4.72
C1 MAN H . 1.40 26.28 -8.14
C2 MAN H . 2.46 25.63 -9.05
C3 MAN H . 3.83 26.21 -8.73
C4 MAN H . 3.80 27.73 -8.82
C5 MAN H . 2.71 28.29 -7.92
C6 MAN H . 2.57 29.78 -7.93
O2 MAN H . 2.15 25.97 -10.41
O3 MAN H . 4.76 25.74 -9.71
O4 MAN H . 5.04 28.27 -8.41
O5 MAN H . 1.44 27.71 -8.35
O6 MAN H . 1.92 30.28 -9.11
C1 MAN I . 9.77 26.95 -5.99
C2 MAN I . 10.43 27.43 -7.29
C3 MAN I . 11.77 26.66 -7.45
C4 MAN I . 12.65 26.83 -6.22
C5 MAN I . 11.91 26.16 -5.04
C6 MAN I . 12.62 26.08 -3.71
O2 MAN I . 10.73 28.81 -7.30
O3 MAN I . 12.44 27.15 -8.61
O4 MAN I . 13.91 26.18 -6.41
O5 MAN I . 10.67 26.88 -4.82
O6 MAN I . 12.86 27.35 -3.12
C1 MAN J . 15.44 23.60 -8.48
C2 MAN J . 16.57 24.17 -9.34
C3 MAN J . 17.40 23.05 -9.91
C4 MAN J . 17.91 22.15 -8.82
C5 MAN J . 16.75 21.61 -7.98
C6 MAN J . 17.16 20.76 -6.81
O2 MAN J . 17.39 25.03 -8.60
O3 MAN J . 18.54 23.64 -10.59
O4 MAN J . 18.58 21.02 -9.41
O5 MAN J . 16.00 22.75 -7.48
O6 MAN J . 18.04 21.43 -5.89
C1 MAN K . 14.35 17.24 -14.37
C2 MAN K . 15.19 16.00 -14.67
C3 MAN K . 16.08 16.29 -15.88
C4 MAN K . 15.22 16.69 -17.05
C5 MAN K . 14.45 17.96 -16.69
C6 MAN K . 13.48 18.42 -17.74
O2 MAN K . 14.31 14.90 -14.98
O3 MAN K . 16.80 15.09 -16.24
O4 MAN K . 15.98 16.92 -18.24
O5 MAN K . 13.62 17.64 -15.52
O6 MAN K . 12.89 19.66 -17.25
C1 MAN L . 19.67 18.69 -12.98
C2 MAN L . 18.46 19.21 -13.72
C3 MAN L . 18.77 19.29 -15.22
C4 MAN L . 19.95 20.23 -15.44
C5 MAN L . 21.18 19.68 -14.70
C6 MAN L . 22.37 20.61 -14.74
O2 MAN L . 18.19 20.55 -13.25
O3 MAN L . 17.64 19.78 -15.91
O4 MAN L . 20.24 20.40 -16.82
O5 MAN L . 20.76 19.59 -13.31
O6 MAN L . 23.52 20.17 -14.00
C1 MAN M . 26.45 16.93 -9.51
C2 MAN M . 26.64 16.96 -7.97
C3 MAN M . 25.23 17.07 -7.34
C4 MAN M . 24.51 18.29 -7.89
C5 MAN M . 24.21 17.99 -9.37
C6 MAN M . 23.31 18.97 -10.08
O2 MAN M . 27.44 18.05 -7.55
O3 MAN M . 25.31 17.07 -5.91
O4 MAN M . 23.31 18.55 -7.17
O5 MAN M . 25.49 17.89 -10.08
O6 MAN M . 23.83 19.68 -11.19
C1 NOJ N . -3.67 -3.59 -12.93
C2 NOJ N . -4.03 -3.05 -11.51
O2 NOJ N . -5.44 -2.68 -11.39
C3 NOJ N . -3.20 -1.81 -11.19
O3 NOJ N . -3.36 -1.41 -9.82
C4 NOJ N . -1.69 -2.09 -11.40
O4 NOJ N . -0.93 -0.87 -11.18
C5 NOJ N . -1.42 -2.65 -12.80
N5 NOJ N . -2.30 -3.74 -13.11
C6 NOJ N . 0.04 -3.13 -12.93
O6 NOJ N . 0.45 -4.10 -11.95
C1 NOJ O . -6.59 -1.87 -16.93
C2 NOJ O . -6.34 -1.92 -15.40
O2 NOJ O . -4.95 -2.26 -15.18
C3 NOJ O . -7.18 -2.96 -14.65
O3 NOJ O . -7.23 -2.71 -13.24
C4 NOJ O . -8.62 -2.99 -15.18
O4 NOJ O . -9.37 -4.00 -14.48
C5 NOJ O . -8.60 -3.28 -16.70
N5 NOJ O . -7.81 -2.36 -17.39
C6 NOJ O . -10.03 -3.24 -17.32
O6 NOJ O . -10.28 -4.45 -18.04
#